data_5DJ5
#
_entry.id   5DJ5
#
_cell.length_a   48.400
_cell.length_b   87.880
_cell.length_c   118.570
_cell.angle_alpha   90.00
_cell.angle_beta   90.00
_cell.angle_gamma   90.00
#
_symmetry.space_group_name_H-M   'P 21 21 21'
#
loop_
_entity.id
_entity.type
_entity.pdbx_description
1 polymer 'Probable strigolactone esterase D14'
2 non-polymer (3E,3aR,8bS)-3-({[(2R)-4-methyl-5-oxo-2,5-dihydrofuran-2-yl]oxy}methylidene)-3,3a,4,8b-tetrahydro-2H-indeno[1,2-b]furan-2-one
3 water water
#
_entity_poly.entity_id   1
_entity_poly.type   'polypeptide(L)'
_entity_poly.pdbx_seq_one_letter_code
;SGAKLLQILNVRVVGSGERVVVLSHGFGTDQSAWSRVLPYLTRDHRVVLYDLVCAGSVNPDHFDFRRYDNLDAYVDDLLA
ILDALRIPRCAFVGHSVSAMIGILASIRRPDLFAKLVLIGASPRFLNDSDYHGGFELEEIQQVFDAMGANYSAWATGYAP
LAVGADVPAAVQEFSRTLFNMRPDISLHVCQTVFKTDLRGVLGMVRAPCVVVQTTRDVSVPASVAAYLKAHLGGRTTVEF
LQTEGHLPHLSAPSLLAQVLRRALARY
;
_entity_poly.pdbx_strand_id   A,B
#
# COMPACT_ATOMS: atom_id res chain seq x y z
N GLY A 2 -13.26 16.02 -3.97
CA GLY A 2 -12.91 17.22 -3.22
C GLY A 2 -12.11 16.93 -1.96
N ALA A 3 -12.77 17.03 -0.80
CA ALA A 3 -12.11 16.75 0.49
C ALA A 3 -11.64 15.29 0.65
N LYS A 4 -12.45 14.33 0.21
CA LYS A 4 -12.04 12.93 0.28
C LYS A 4 -10.79 12.66 -0.56
N LEU A 5 -10.76 13.25 -1.75
CA LEU A 5 -9.61 13.07 -2.62
C LEU A 5 -8.35 13.53 -1.90
N LEU A 6 -8.49 14.62 -1.13
CA LEU A 6 -7.41 15.16 -0.32
C LEU A 6 -6.90 14.12 0.69
N GLN A 7 -7.81 13.31 1.20
CA GLN A 7 -7.44 12.24 2.12
C GLN A 7 -6.92 11.00 1.40
N ILE A 8 -7.56 10.64 0.29
CA ILE A 8 -7.17 9.47 -0.52
C ILE A 8 -5.74 9.57 -1.03
N LEU A 9 -5.37 10.75 -1.52
CA LEU A 9 -4.06 11.00 -2.10
C LEU A 9 -3.08 11.58 -1.08
N ASN A 10 -3.50 11.61 0.20
CA ASN A 10 -2.60 12.01 1.31
C ASN A 10 -1.98 13.39 1.08
N VAL A 11 -2.84 14.33 0.66
CA VAL A 11 -2.41 15.70 0.35
C VAL A 11 -1.95 16.40 1.63
N ARG A 12 -0.85 17.13 1.54
CA ARG A 12 -0.34 17.92 2.66
C ARG A 12 0.11 19.28 2.17
N VAL A 13 -0.11 20.31 2.97
CA VAL A 13 0.40 21.64 2.64
C VAL A 13 1.26 22.15 3.80
N VAL A 14 2.50 22.48 3.50
CA VAL A 14 3.44 22.90 4.53
C VAL A 14 4.23 24.11 4.08
N GLY A 15 4.84 24.79 5.05
CA GLY A 15 5.71 25.92 4.78
C GLY A 15 4.97 27.24 4.79
N SER A 16 5.73 28.32 4.63
CA SER A 16 5.17 29.65 4.61
C SER A 16 5.84 30.42 3.49
N GLY A 17 5.03 31.07 2.68
CA GLY A 17 5.51 31.93 1.62
C GLY A 17 4.28 32.24 0.81
N GLU A 18 4.37 33.28 0.00
CA GLU A 18 3.24 33.67 -0.83
C GLU A 18 3.15 32.83 -2.10
N ARG A 19 4.30 32.28 -2.50
CA ARG A 19 4.42 31.50 -3.71
C ARG A 19 4.13 30.03 -3.48
N VAL A 20 3.35 29.42 -4.37
CA VAL A 20 2.96 28.02 -4.19
C VAL A 20 3.72 27.09 -5.15
N VAL A 21 4.28 26.02 -4.60
CA VAL A 21 4.95 24.97 -5.35
C VAL A 21 4.29 23.59 -5.11
N VAL A 22 4.06 22.84 -6.18
CA VAL A 22 3.60 21.46 -6.04
C VAL A 22 4.76 20.50 -6.31
N LEU A 23 5.03 19.59 -5.36
CA LEU A 23 6.04 18.57 -5.55
C LEU A 23 5.37 17.25 -5.89
N SER A 24 5.64 16.73 -7.08
CA SER A 24 4.95 15.54 -7.56
C SER A 24 5.94 14.40 -7.85
N HIS A 25 5.82 13.33 -7.05
CA HIS A 25 6.80 12.24 -7.05
C HIS A 25 6.70 11.31 -8.27
N GLY A 26 7.77 10.56 -8.51
CA GLY A 26 7.79 9.63 -9.62
C GLY A 26 7.49 8.19 -9.24
N PHE A 27 7.69 7.30 -10.22
CA PHE A 27 7.46 5.87 -10.06
C PHE A 27 8.32 5.23 -8.97
N GLY A 28 7.71 4.40 -8.14
CA GLY A 28 8.44 3.68 -7.11
C GLY A 28 8.66 4.47 -5.83
N THR A 29 8.17 5.69 -5.79
CA THR A 29 8.28 6.49 -4.58
C THR A 29 6.92 7.03 -4.13
N ASP A 30 6.92 7.75 -3.01
CA ASP A 30 5.79 8.60 -2.64
C ASP A 30 6.38 9.92 -2.17
N GLN A 31 5.53 10.78 -1.62
CA GLN A 31 5.92 12.14 -1.27
C GLN A 31 7.03 12.25 -0.21
N SER A 32 7.28 11.15 0.50
CA SER A 32 8.35 11.13 1.50
C SER A 32 9.70 11.28 0.82
N ALA A 33 9.76 10.97 -0.47
CA ALA A 33 10.98 11.14 -1.25
C ALA A 33 11.43 12.60 -1.31
N TRP A 34 10.51 13.53 -1.06
CA TRP A 34 10.86 14.96 -1.11
C TRP A 34 11.40 15.50 0.23
N SER A 35 11.43 14.65 1.26
CA SER A 35 11.70 15.08 2.64
C SER A 35 13.01 15.83 2.82
N ARG A 36 14.05 15.40 2.11
CA ARG A 36 15.35 16.05 2.20
C ARG A 36 15.43 17.43 1.53
N VAL A 37 14.78 17.61 0.39
CA VAL A 37 14.81 18.91 -0.26
C VAL A 37 13.78 19.88 0.32
N LEU A 38 12.78 19.34 1.01
CA LEU A 38 11.65 20.14 1.52
C LEU A 38 12.08 21.33 2.40
N PRO A 39 13.06 21.14 3.31
CA PRO A 39 13.42 22.27 4.17
C PRO A 39 14.02 23.48 3.46
N TYR A 40 14.60 23.30 2.29
CA TYR A 40 15.13 24.41 1.53
C TYR A 40 14.04 25.29 0.94
N LEU A 41 12.90 24.66 0.67
CA LEU A 41 11.74 25.31 0.10
C LEU A 41 10.76 26.00 1.10
N THR A 42 10.64 25.46 2.32
CA THR A 42 9.52 25.80 3.20
C THR A 42 9.62 27.19 3.82
N ARG A 43 10.81 27.77 3.77
CA ARG A 43 10.99 29.14 4.22
C ARG A 43 10.36 30.13 3.23
N ASP A 44 10.61 29.93 1.95
CA ASP A 44 10.08 30.83 0.91
C ASP A 44 8.82 30.39 0.15
N HIS A 45 8.29 29.20 0.43
CA HIS A 45 7.19 28.71 -0.39
C HIS A 45 6.09 28.04 0.40
N ARG A 46 4.88 28.05 -0.16
CA ARG A 46 3.82 27.20 0.34
C ARG A 46 3.89 25.93 -0.52
N VAL A 47 4.16 24.80 0.11
CA VAL A 47 4.44 23.59 -0.65
C VAL A 47 3.34 22.54 -0.51
N VAL A 48 2.82 22.10 -1.65
CA VAL A 48 1.81 21.06 -1.66
C VAL A 48 2.45 19.71 -1.98
N LEU A 49 2.18 18.71 -1.15
CA LEU A 49 2.66 17.37 -1.42
C LEU A 49 1.48 16.41 -1.48
N TYR A 50 1.59 15.40 -2.34
CA TYR A 50 0.57 14.36 -2.44
C TYR A 50 1.15 13.08 -3.01
N ASP A 51 0.42 11.98 -2.85
CA ASP A 51 0.82 10.74 -3.48
C ASP A 51 -0.01 10.52 -4.75
N LEU A 52 0.66 10.09 -5.82
CA LEU A 52 -0.04 9.61 -7.01
C LEU A 52 -0.88 8.41 -6.60
N VAL A 53 -1.99 8.19 -7.29
CA VAL A 53 -2.90 7.12 -6.94
C VAL A 53 -2.22 5.73 -6.98
N CYS A 54 -1.13 5.63 -7.72
CA CYS A 54 -0.45 4.34 -7.86
C CYS A 54 0.60 4.13 -6.77
N ALA A 55 0.77 5.12 -5.90
CA ALA A 55 1.76 5.03 -4.84
C ALA A 55 1.35 3.93 -3.85
N GLY A 56 2.34 3.23 -3.30
CA GLY A 56 2.08 2.15 -2.35
C GLY A 56 1.40 2.64 -1.08
N SER A 57 1.53 3.94 -0.80
CA SER A 57 0.97 4.55 0.40
C SER A 57 -0.48 4.97 0.19
N VAL A 58 -0.99 4.71 -1.01
CA VAL A 58 -2.39 4.97 -1.32
C VAL A 58 -3.06 3.61 -1.48
N ASN A 59 -4.24 3.46 -0.90
CA ASN A 59 -4.99 2.20 -0.94
C ASN A 59 -5.23 1.68 -2.34
N PRO A 60 -4.80 0.43 -2.61
CA PRO A 60 -4.93 -0.05 -4.00
C PRO A 60 -6.37 -0.19 -4.51
N ASP A 61 -7.35 -0.20 -3.61
CA ASP A 61 -8.75 -0.25 -4.04
C ASP A 61 -9.14 0.97 -4.86
N HIS A 62 -8.49 2.10 -4.61
CA HIS A 62 -8.81 3.33 -5.32
C HIS A 62 -8.23 3.36 -6.72
N PHE A 63 -7.42 2.36 -7.06
CA PHE A 63 -6.82 2.32 -8.37
C PHE A 63 -7.74 1.66 -9.40
N ASP A 64 -8.14 2.43 -10.40
CA ASP A 64 -9.01 1.96 -11.46
C ASP A 64 -8.20 1.66 -12.71
N PHE A 65 -8.08 0.38 -13.06
CA PHE A 65 -7.21 -0.03 -14.16
C PHE A 65 -7.67 0.51 -15.52
N ARG A 66 -8.96 0.59 -15.74
CA ARG A 66 -9.47 1.11 -17.02
C ARG A 66 -9.33 2.64 -17.09
N ARG A 67 -9.56 3.32 -15.98
CA ARG A 67 -9.47 4.77 -15.90
C ARG A 67 -8.04 5.28 -16.06
N TYR A 68 -7.09 4.61 -15.43
CA TYR A 68 -5.71 5.08 -15.29
C TYR A 68 -4.81 4.56 -16.40
N ASP A 69 -5.42 3.99 -17.43
CA ASP A 69 -4.70 3.45 -18.57
C ASP A 69 -4.04 4.55 -19.45
N ASN A 70 -4.30 5.82 -19.13
CA ASN A 70 -3.53 6.91 -19.74
C ASN A 70 -3.28 8.01 -18.73
N LEU A 71 -2.28 8.83 -19.01
CA LEU A 71 -1.78 9.80 -18.04
C LEU A 71 -2.80 10.91 -17.76
N ASP A 72 -3.75 11.10 -18.66
CA ASP A 72 -4.74 12.16 -18.49
C ASP A 72 -5.57 12.00 -17.22
N ALA A 73 -5.75 10.76 -16.75
CA ALA A 73 -6.46 10.49 -15.52
C ALA A 73 -5.67 10.99 -14.31
N TYR A 74 -4.35 10.83 -14.37
CA TYR A 74 -3.49 11.34 -13.31
C TYR A 74 -3.56 12.86 -13.27
N VAL A 75 -3.67 13.47 -14.46
CA VAL A 75 -3.81 14.91 -14.58
C VAL A 75 -5.11 15.37 -13.92
N ASP A 76 -6.19 14.62 -14.15
CA ASP A 76 -7.47 14.88 -13.51
C ASP A 76 -7.35 15.00 -12.00
N ASP A 77 -6.67 14.02 -11.40
CA ASP A 77 -6.45 13.98 -9.95
C ASP A 77 -5.69 15.24 -9.49
N LEU A 78 -4.62 15.56 -10.21
CA LEU A 78 -3.81 16.73 -9.89
C LEU A 78 -4.62 18.04 -9.96
N LEU A 79 -5.41 18.22 -11.02
CA LEU A 79 -6.22 19.42 -11.17
C LEU A 79 -7.32 19.48 -10.10
N ALA A 80 -7.90 18.34 -9.79
CA ALA A 80 -8.93 18.25 -8.77
C ALA A 80 -8.35 18.57 -7.38
N ILE A 81 -7.10 18.19 -7.14
CA ILE A 81 -6.43 18.53 -5.89
C ILE A 81 -6.26 20.03 -5.75
N LEU A 82 -5.76 20.67 -6.80
CA LEU A 82 -5.52 22.11 -6.77
C LEU A 82 -6.81 22.91 -6.61
N ASP A 83 -7.87 22.49 -7.30
CA ASP A 83 -9.15 23.18 -7.24
C ASP A 83 -9.75 22.98 -5.86
N ALA A 84 -9.57 21.79 -5.30
CA ALA A 84 -10.04 21.52 -3.94
C ALA A 84 -9.33 22.42 -2.93
N LEU A 85 -8.03 22.63 -3.13
CA LEU A 85 -7.24 23.46 -2.23
C LEU A 85 -7.41 24.95 -2.52
N ARG A 86 -8.18 25.24 -3.57
CA ARG A 86 -8.42 26.61 -4.04
C ARG A 86 -7.11 27.31 -4.38
N ILE A 87 -6.27 26.67 -5.21
CA ILE A 87 -5.03 27.30 -5.66
C ILE A 87 -5.17 27.77 -7.11
N PRO A 88 -5.24 29.09 -7.31
CA PRO A 88 -5.41 29.65 -8.67
C PRO A 88 -4.16 29.58 -9.56
N ARG A 89 -2.97 29.62 -8.98
CA ARG A 89 -1.73 29.61 -9.75
C ARG A 89 -0.61 28.99 -8.93
N CYS A 90 0.30 28.27 -9.59
CA CYS A 90 1.38 27.60 -8.88
C CYS A 90 2.57 27.26 -9.77
N ALA A 91 3.69 26.92 -9.14
CA ALA A 91 4.78 26.28 -9.87
C ALA A 91 4.68 24.78 -9.63
N PHE A 92 5.04 24.01 -10.66
CA PHE A 92 4.95 22.56 -10.57
C PHE A 92 6.33 21.92 -10.73
N VAL A 93 6.72 21.16 -9.74
CA VAL A 93 7.93 20.38 -9.87
C VAL A 93 7.56 18.92 -9.93
N GLY A 94 7.99 18.21 -10.96
CA GLY A 94 7.64 16.83 -10.93
C GLY A 94 8.74 16.01 -11.53
N HIS A 95 8.75 14.78 -11.06
CA HIS A 95 9.80 13.82 -11.29
C HIS A 95 9.32 12.67 -12.11
N SER A 96 10.08 12.32 -13.13
CA SER A 96 9.82 11.13 -13.93
C SER A 96 8.41 11.17 -14.55
N VAL A 97 7.55 10.22 -14.18
CA VAL A 97 6.20 10.16 -14.74
C VAL A 97 5.39 11.43 -14.45
N SER A 98 5.68 12.07 -13.32
CA SER A 98 5.00 13.30 -12.92
C SER A 98 5.41 14.49 -13.79
N ALA A 99 6.60 14.43 -14.38
CA ALA A 99 7.03 15.44 -15.34
C ALA A 99 6.12 15.38 -16.56
N MET A 100 5.84 14.16 -17.01
CA MET A 100 4.87 13.90 -18.05
C MET A 100 3.48 14.42 -17.67
N ILE A 101 3.04 14.12 -16.44
CA ILE A 101 1.76 14.60 -15.95
C ILE A 101 1.74 16.13 -15.94
N GLY A 102 2.84 16.74 -15.52
CA GLY A 102 2.90 18.18 -15.42
C GLY A 102 2.77 18.87 -16.77
N ILE A 103 3.49 18.34 -17.75
CA ILE A 103 3.40 18.83 -19.12
C ILE A 103 1.96 18.82 -19.63
N LEU A 104 1.27 17.69 -19.42
CA LEU A 104 -0.11 17.57 -19.87
C LEU A 104 -1.07 18.51 -19.13
N ALA A 105 -0.84 18.67 -17.83
CA ALA A 105 -1.66 19.55 -17.02
C ALA A 105 -1.47 21.02 -17.43
N SER A 106 -0.23 21.41 -17.77
CA SER A 106 0.06 22.78 -18.19
C SER A 106 -0.60 23.10 -19.52
N ILE A 107 -0.83 22.09 -20.35
CA ILE A 107 -1.53 22.27 -21.62
C ILE A 107 -3.05 22.38 -21.40
N ARG A 108 -3.55 21.55 -20.50
CA ARG A 108 -4.95 21.55 -20.13
C ARG A 108 -5.34 22.86 -19.46
N ARG A 109 -4.53 23.33 -18.53
CA ARG A 109 -4.83 24.52 -17.76
C ARG A 109 -3.64 25.47 -17.70
N PRO A 110 -3.35 26.17 -18.81
CA PRO A 110 -2.16 27.05 -18.88
C PRO A 110 -2.19 28.20 -17.86
N ASP A 111 -3.37 28.60 -17.43
CA ASP A 111 -3.54 29.67 -16.44
C ASP A 111 -3.09 29.25 -15.03
N LEU A 112 -3.15 27.95 -14.78
CA LEU A 112 -2.85 27.37 -13.48
C LEU A 112 -1.34 27.21 -13.22
N PHE A 113 -0.56 26.95 -14.26
CA PHE A 113 0.84 26.63 -14.07
C PHE A 113 1.76 27.74 -14.53
N ALA A 114 2.39 28.38 -13.56
CA ALA A 114 3.26 29.52 -13.85
C ALA A 114 4.64 29.06 -14.31
N LYS A 115 5.11 27.93 -13.80
CA LYS A 115 6.40 27.39 -14.21
C LYS A 115 6.47 25.87 -14.03
N LEU A 116 7.23 25.20 -14.90
CA LEU A 116 7.46 23.78 -14.75
C LEU A 116 8.94 23.50 -14.47
N VAL A 117 9.19 22.66 -13.48
CA VAL A 117 10.53 22.13 -13.27
C VAL A 117 10.49 20.61 -13.45
N LEU A 118 11.18 20.12 -14.46
CA LEU A 118 11.10 18.72 -14.82
C LEU A 118 12.39 17.99 -14.45
N ILE A 119 12.24 16.93 -13.67
CA ILE A 119 13.38 16.12 -13.22
C ILE A 119 13.27 14.68 -13.71
N GLY A 120 14.33 14.20 -14.36
CA GLY A 120 14.35 12.87 -14.96
C GLY A 120 13.22 12.70 -15.95
N ALA A 121 13.09 13.68 -16.85
CA ALA A 121 11.91 13.77 -17.72
C ALA A 121 12.19 13.32 -19.14
N SER A 122 11.25 12.56 -19.71
CA SER A 122 11.34 12.18 -21.11
C SER A 122 9.96 12.22 -21.78
N PRO A 123 9.88 12.75 -23.01
CA PRO A 123 8.61 12.68 -23.76
C PRO A 123 8.27 11.28 -24.27
N ARG A 124 9.28 10.52 -24.66
CA ARG A 124 9.11 9.16 -25.09
C ARG A 124 10.32 8.28 -24.74
N PHE A 125 10.08 7.12 -24.09
CA PHE A 125 11.17 6.20 -23.77
C PHE A 125 11.59 5.25 -24.89
N LEU A 126 10.63 4.82 -25.70
CA LEU A 126 10.89 3.91 -26.81
C LEU A 126 11.65 4.61 -27.92
N ASN A 127 12.61 3.91 -28.51
CA ASN A 127 13.34 4.44 -29.67
C ASN A 127 12.44 4.57 -30.90
N ASP A 128 12.84 5.45 -31.81
CA ASP A 128 12.10 5.68 -33.04
C ASP A 128 13.06 6.13 -34.15
N SER A 129 12.54 6.33 -35.35
CA SER A 129 13.37 6.82 -36.44
C SER A 129 13.84 8.24 -36.10
N ASP A 130 15.14 8.42 -36.09
CA ASP A 130 15.76 9.69 -35.75
C ASP A 130 15.37 10.19 -34.35
N TYR A 131 14.97 9.29 -33.48
CA TYR A 131 14.74 9.63 -32.07
C TYR A 131 15.31 8.57 -31.14
N HIS A 132 16.24 8.96 -30.28
CA HIS A 132 16.78 8.04 -29.31
C HIS A 132 16.11 8.29 -27.96
N GLY A 133 15.24 7.36 -27.57
CA GLY A 133 14.58 7.39 -26.28
C GLY A 133 15.36 6.57 -25.26
N GLY A 134 16.17 5.65 -25.74
CA GLY A 134 17.00 4.84 -24.86
C GLY A 134 16.58 3.38 -24.68
N PHE A 135 15.43 3.02 -25.22
CA PHE A 135 14.92 1.67 -25.05
C PHE A 135 14.39 1.11 -26.37
N GLU A 136 14.52 -0.20 -26.51
CA GLU A 136 13.97 -0.93 -27.65
C GLU A 136 12.81 -1.80 -27.17
N LEU A 137 11.88 -2.10 -28.08
CA LEU A 137 10.68 -2.85 -27.72
C LEU A 137 10.98 -4.15 -26.96
N GLU A 138 11.99 -4.90 -27.42
CA GLU A 138 12.36 -6.17 -26.80
C GLU A 138 12.91 -5.95 -25.39
N GLU A 139 13.67 -4.88 -25.21
CA GLU A 139 14.28 -4.52 -23.94
C GLU A 139 13.22 -4.25 -22.87
N ILE A 140 12.21 -3.49 -23.26
CA ILE A 140 11.11 -3.15 -22.36
C ILE A 140 10.26 -4.37 -22.09
N GLN A 141 10.08 -5.21 -23.11
CA GLN A 141 9.33 -6.45 -22.97
C GLN A 141 9.94 -7.35 -21.92
N GLN A 142 11.26 -7.40 -21.90
CA GLN A 142 11.98 -8.25 -20.97
C GLN A 142 11.74 -7.77 -19.54
N VAL A 143 11.65 -6.45 -19.40
CA VAL A 143 11.33 -5.81 -18.12
C VAL A 143 9.95 -6.19 -17.60
N PHE A 144 8.94 -6.08 -18.45
CA PHE A 144 7.58 -6.43 -18.08
C PHE A 144 7.50 -7.88 -17.63
N ASP A 145 8.14 -8.77 -18.39
CA ASP A 145 8.19 -10.17 -18.02
C ASP A 145 8.83 -10.35 -16.65
N ALA A 146 9.94 -9.65 -16.45
CA ALA A 146 10.65 -9.69 -15.19
C ALA A 146 9.77 -9.17 -14.03
N MET A 147 9.10 -8.04 -14.24
CA MET A 147 8.21 -7.48 -13.22
C MET A 147 7.09 -8.44 -12.92
N GLY A 148 6.62 -9.13 -13.97
CA GLY A 148 5.52 -10.08 -13.88
C GLY A 148 5.86 -11.41 -13.22
N ALA A 149 7.04 -11.93 -13.54
CA ALA A 149 7.45 -13.24 -13.05
C ALA A 149 7.79 -13.18 -11.57
N ASN A 150 8.85 -12.45 -11.26
CA ASN A 150 9.22 -12.23 -9.87
C ASN A 150 9.39 -10.72 -9.64
N TYR A 151 8.45 -10.12 -8.93
CA TYR A 151 8.45 -8.68 -8.79
C TYR A 151 9.54 -8.19 -7.85
N SER A 152 9.60 -8.81 -6.67
CA SER A 152 10.59 -8.45 -5.65
C SER A 152 12.01 -8.59 -6.18
N ALA A 153 12.23 -9.66 -6.93
CA ALA A 153 13.54 -9.89 -7.53
C ALA A 153 13.85 -8.77 -8.48
N TRP A 154 12.86 -8.39 -9.29
CA TRP A 154 13.02 -7.28 -10.23
C TRP A 154 13.35 -5.98 -9.49
N ALA A 155 12.60 -5.72 -8.42
CA ALA A 155 12.74 -4.50 -7.66
C ALA A 155 14.13 -4.42 -7.03
N THR A 156 14.61 -5.56 -6.53
CA THR A 156 15.92 -5.64 -5.89
C THR A 156 17.03 -5.28 -6.85
N GLY A 157 16.89 -5.72 -8.10
CA GLY A 157 17.88 -5.42 -9.12
C GLY A 157 17.76 -4.01 -9.65
N TYR A 158 16.53 -3.50 -9.70
CA TYR A 158 16.28 -2.19 -10.32
C TYR A 158 16.67 -1.01 -9.43
N ALA A 159 16.38 -1.10 -8.13
CA ALA A 159 16.56 0.03 -7.23
C ALA A 159 17.97 0.62 -7.27
N PRO A 160 19.02 -0.22 -7.19
CA PRO A 160 20.35 0.41 -7.27
C PRO A 160 20.68 0.98 -8.64
N LEU A 161 20.08 0.45 -9.71
CA LEU A 161 20.32 0.99 -11.05
C LEU A 161 19.68 2.37 -11.18
N ALA A 162 18.50 2.51 -10.60
CA ALA A 162 17.78 3.78 -10.67
C ALA A 162 18.51 4.87 -9.89
N VAL A 163 18.92 4.54 -8.66
CA VAL A 163 19.66 5.52 -7.87
C VAL A 163 20.98 5.85 -8.57
N GLY A 164 21.70 4.79 -8.92
CA GLY A 164 22.76 4.78 -9.91
C GLY A 164 24.10 5.21 -9.35
N ALA A 165 24.10 6.14 -8.40
CA ALA A 165 25.29 6.45 -7.60
C ALA A 165 25.33 5.41 -6.51
N ASP A 166 26.50 5.14 -5.93
CA ASP A 166 26.49 4.15 -4.90
C ASP A 166 26.22 4.92 -3.61
N VAL A 167 24.95 4.91 -3.20
CA VAL A 167 24.47 5.63 -2.02
C VAL A 167 23.48 4.74 -1.31
N PRO A 168 24.00 3.87 -0.44
CA PRO A 168 23.24 2.77 0.15
C PRO A 168 21.96 3.21 0.85
N ALA A 169 21.98 4.38 1.48
CA ALA A 169 20.79 4.86 2.17
C ALA A 169 19.70 5.22 1.15
N ALA A 170 20.11 5.79 0.02
CA ALA A 170 19.17 6.15 -1.05
C ALA A 170 18.57 4.90 -1.68
N VAL A 171 19.39 3.88 -1.87
CA VAL A 171 18.92 2.64 -2.47
C VAL A 171 17.86 2.03 -1.57
N GLN A 172 18.13 2.10 -0.29
CA GLN A 172 17.24 1.57 0.73
C GLN A 172 15.93 2.33 0.80
N GLU A 173 15.99 3.66 0.76
CA GLU A 173 14.78 4.46 0.80
C GLU A 173 13.90 4.20 -0.42
N PHE A 174 14.54 4.11 -1.59
CA PHE A 174 13.80 3.83 -2.82
C PHE A 174 13.17 2.44 -2.80
N SER A 175 13.92 1.45 -2.28
CA SER A 175 13.43 0.08 -2.14
C SER A 175 12.22 -0.01 -1.23
N ARG A 176 12.20 0.78 -0.15
CA ARG A 176 11.08 0.78 0.76
C ARG A 176 9.74 0.97 0.06
N THR A 177 9.66 2.06 -0.70
CA THR A 177 8.44 2.43 -1.41
C THR A 177 8.24 1.64 -2.70
N LEU A 178 9.34 1.17 -3.30
CA LEU A 178 9.27 0.34 -4.51
C LEU A 178 8.71 -1.05 -4.24
N PHE A 179 9.17 -1.70 -3.18
CA PHE A 179 8.67 -3.03 -2.83
C PHE A 179 7.23 -3.04 -2.35
N ASN A 180 6.82 -1.94 -1.72
CA ASN A 180 5.48 -1.81 -1.16
C ASN A 180 4.41 -1.48 -2.18
N MET A 181 4.82 -1.21 -3.42
CA MET A 181 3.85 -1.02 -4.50
C MET A 181 3.17 -2.35 -4.83
N ARG A 182 1.89 -2.29 -5.20
CA ARG A 182 1.22 -3.50 -5.64
C ARG A 182 1.81 -3.88 -6.97
N PRO A 183 2.34 -5.11 -7.08
CA PRO A 183 3.06 -5.53 -8.29
C PRO A 183 2.28 -5.30 -9.59
N ASP A 184 0.96 -5.51 -9.55
CA ASP A 184 0.15 -5.34 -10.74
C ASP A 184 -0.02 -3.88 -11.09
N ILE A 185 -0.14 -3.03 -10.07
CA ILE A 185 -0.22 -1.59 -10.28
C ILE A 185 1.12 -1.05 -10.83
N SER A 186 2.22 -1.56 -10.30
CA SER A 186 3.55 -1.16 -10.77
CA SER A 186 3.55 -1.16 -10.77
C SER A 186 3.72 -1.44 -12.25
N LEU A 187 3.39 -2.67 -12.65
CA LEU A 187 3.46 -3.09 -14.04
C LEU A 187 2.56 -2.22 -14.93
N HIS A 188 1.34 -1.97 -14.47
CA HIS A 188 0.36 -1.19 -15.21
C HIS A 188 0.87 0.22 -15.48
N VAL A 189 1.36 0.90 -14.45
CA VAL A 189 1.91 2.25 -14.60
C VAL A 189 3.07 2.25 -15.59
N CYS A 190 3.94 1.25 -15.46
N CYS A 190 3.95 1.26 -15.46
CA CYS A 190 5.09 1.11 -16.34
CA CYS A 190 5.09 1.14 -16.37
C CYS A 190 4.65 0.91 -17.80
C CYS A 190 4.63 0.94 -17.81
N GLN A 191 3.63 0.08 -18.00
CA GLN A 191 3.07 -0.14 -19.33
C GLN A 191 2.42 1.13 -19.90
N THR A 192 1.73 1.89 -19.04
CA THR A 192 1.08 3.15 -19.45
C THR A 192 2.13 4.18 -19.89
N VAL A 193 3.16 4.34 -19.07
CA VAL A 193 4.24 5.28 -19.35
C VAL A 193 4.96 4.97 -20.65
N PHE A 194 5.27 3.70 -20.86
CA PHE A 194 6.05 3.32 -22.04
C PHE A 194 5.24 3.39 -23.34
N LYS A 195 3.91 3.47 -23.24
CA LYS A 195 3.07 3.64 -24.42
C LYS A 195 2.76 5.11 -24.67
N THR A 196 3.32 5.97 -23.83
CA THR A 196 3.06 7.41 -23.93
C THR A 196 4.08 8.09 -24.82
N ASP A 197 3.59 8.88 -25.77
CA ASP A 197 4.46 9.68 -26.59
C ASP A 197 3.98 11.14 -26.54
N LEU A 198 4.76 11.99 -25.88
CA LEU A 198 4.39 13.38 -25.68
C LEU A 198 5.04 14.32 -26.70
N ARG A 199 5.86 13.76 -27.60
CA ARG A 199 6.61 14.57 -28.55
C ARG A 199 5.73 15.54 -29.32
N GLY A 200 4.54 15.09 -29.69
CA GLY A 200 3.65 15.88 -30.51
C GLY A 200 3.03 17.08 -29.81
N VAL A 201 2.86 17.00 -28.50
CA VAL A 201 2.22 18.10 -27.78
C VAL A 201 3.17 19.07 -27.02
N LEU A 202 4.48 18.81 -27.08
CA LEU A 202 5.45 19.64 -26.35
C LEU A 202 5.36 21.12 -26.74
N GLY A 203 5.04 21.37 -28.01
CA GLY A 203 4.95 22.72 -28.53
C GLY A 203 3.74 23.47 -27.98
N MET A 204 2.79 22.73 -27.42
CA MET A 204 1.59 23.33 -26.85
C MET A 204 1.82 23.88 -25.44
N VAL A 205 2.98 23.61 -24.85
CA VAL A 205 3.26 24.10 -23.49
C VAL A 205 3.66 25.58 -23.54
N ARG A 206 2.86 26.46 -22.90
CA ARG A 206 3.19 27.89 -22.80
C ARG A 206 4.09 28.25 -21.61
N ALA A 207 4.09 27.43 -20.57
CA ALA A 207 4.77 27.82 -19.33
C ALA A 207 6.30 27.73 -19.50
N PRO A 208 7.03 28.65 -18.84
CA PRO A 208 8.49 28.55 -18.83
C PRO A 208 8.89 27.26 -18.14
N CYS A 209 9.90 26.57 -18.67
CA CYS A 209 10.29 25.28 -18.14
CA CYS A 209 10.29 25.28 -18.12
C CYS A 209 11.78 25.19 -17.82
N VAL A 210 12.10 24.52 -16.71
CA VAL A 210 13.47 24.16 -16.40
C VAL A 210 13.58 22.63 -16.46
N VAL A 211 14.43 22.14 -17.35
CA VAL A 211 14.68 20.71 -17.44
C VAL A 211 15.92 20.38 -16.61
N VAL A 212 15.76 19.60 -15.54
CA VAL A 212 16.86 19.25 -14.66
C VAL A 212 17.42 17.89 -15.06
N GLN A 213 18.70 17.87 -15.41
CA GLN A 213 19.31 16.68 -15.98
C GLN A 213 20.58 16.28 -15.23
N THR A 214 20.68 15.00 -14.87
CA THR A 214 21.88 14.51 -14.20
C THR A 214 22.88 14.01 -15.23
N THR A 215 24.06 13.58 -14.77
CA THR A 215 25.10 13.17 -15.72
C THR A 215 24.82 11.80 -16.31
N ARG A 216 24.18 10.93 -15.53
CA ARG A 216 23.73 9.65 -16.05
C ARG A 216 22.37 9.22 -15.49
N ASP A 217 21.41 9.01 -16.39
CA ASP A 217 20.08 8.59 -15.99
C ASP A 217 19.76 7.31 -16.74
N VAL A 218 19.47 6.26 -16.01
CA VAL A 218 19.31 4.95 -16.61
C VAL A 218 18.13 4.89 -17.59
N SER A 219 17.07 5.66 -17.31
CA SER A 219 15.94 5.71 -18.22
C SER A 219 15.88 6.93 -19.17
N VAL A 220 16.83 7.87 -19.03
CA VAL A 220 16.78 9.13 -19.78
C VAL A 220 18.13 9.55 -20.38
N PRO A 221 18.37 9.23 -21.66
CA PRO A 221 19.59 9.65 -22.35
C PRO A 221 19.78 11.17 -22.30
N ALA A 222 21.03 11.63 -22.32
CA ALA A 222 21.35 13.06 -22.24
C ALA A 222 20.74 13.86 -23.40
N SER A 223 20.63 13.21 -24.56
CA SER A 223 20.06 13.86 -25.73
C SER A 223 18.57 14.19 -25.56
N VAL A 224 17.91 13.50 -24.64
CA VAL A 224 16.47 13.74 -24.43
C VAL A 224 16.22 15.10 -23.79
N ALA A 225 17.06 15.48 -22.82
CA ALA A 225 16.95 16.77 -22.20
C ALA A 225 17.07 17.87 -23.25
N ALA A 226 17.98 17.66 -24.20
CA ALA A 226 18.21 18.61 -25.30
C ALA A 226 16.97 18.69 -26.17
N TYR A 227 16.39 17.53 -26.44
CA TYR A 227 15.17 17.45 -27.21
C TYR A 227 14.05 18.24 -26.54
N LEU A 228 13.88 18.06 -25.23
CA LEU A 228 12.85 18.80 -24.50
C LEU A 228 13.06 20.30 -24.63
N LYS A 229 14.30 20.76 -24.44
CA LYS A 229 14.60 22.19 -24.52
C LYS A 229 14.28 22.74 -25.90
N ALA A 230 14.61 21.95 -26.92
CA ALA A 230 14.38 22.37 -28.28
C ALA A 230 12.89 22.38 -28.62
N HIS A 231 12.14 21.37 -28.17
CA HIS A 231 10.73 21.25 -28.58
C HIS A 231 9.63 21.76 -27.63
N LEU A 232 9.97 22.19 -26.43
CA LEU A 232 8.96 22.70 -25.52
C LEU A 232 8.56 24.08 -25.99
N GLY A 233 7.26 24.37 -25.94
CA GLY A 233 6.73 25.60 -26.48
C GLY A 233 7.02 26.86 -25.68
N GLY A 234 7.37 26.69 -24.41
CA GLY A 234 7.69 27.84 -23.57
C GLY A 234 9.19 28.12 -23.51
N ARG A 235 9.55 29.16 -22.75
CA ARG A 235 10.96 29.47 -22.56
C ARG A 235 11.57 28.39 -21.71
N THR A 236 12.56 27.69 -22.23
CA THR A 236 13.08 26.50 -21.57
C THR A 236 14.60 26.53 -21.39
N THR A 237 15.05 26.18 -20.19
CA THR A 237 16.47 26.04 -19.90
C THR A 237 16.78 24.65 -19.34
N VAL A 238 17.95 24.12 -19.69
CA VAL A 238 18.41 22.85 -19.12
C VAL A 238 19.44 23.09 -18.03
N GLU A 239 19.14 22.63 -16.83
CA GLU A 239 20.10 22.70 -15.73
C GLU A 239 20.70 21.33 -15.48
N PHE A 240 22.04 21.27 -15.47
CA PHE A 240 22.76 20.02 -15.25
C PHE A 240 23.26 19.86 -13.82
N LEU A 241 22.90 18.73 -13.21
CA LEU A 241 23.45 18.36 -11.93
C LEU A 241 24.83 17.75 -12.18
N GLN A 242 25.73 17.97 -11.22
CA GLN A 242 27.14 17.54 -11.32
C GLN A 242 27.30 16.12 -10.78
N THR A 243 26.17 15.46 -10.61
CA THR A 243 26.14 14.07 -10.15
C THR A 243 25.16 13.22 -10.99
N GLU A 244 25.20 11.91 -10.83
CA GLU A 244 24.40 11.00 -11.64
C GLU A 244 23.17 10.45 -10.89
N GLY A 245 22.35 9.71 -11.62
CA GLY A 245 21.20 9.03 -11.06
C GLY A 245 19.84 9.58 -11.46
N HIS A 246 18.84 8.72 -11.33
CA HIS A 246 17.48 9.03 -11.73
C HIS A 246 16.68 9.60 -10.55
N LEU A 247 17.27 9.55 -9.36
CA LEU A 247 16.56 10.01 -8.18
C LEU A 247 17.41 11.00 -7.37
N PRO A 248 17.75 12.16 -7.97
CA PRO A 248 18.64 13.10 -7.29
C PRO A 248 18.09 13.67 -6.01
N HIS A 249 16.77 13.70 -5.86
CA HIS A 249 16.18 14.21 -4.64
C HIS A 249 16.46 13.23 -3.49
N LEU A 250 16.59 11.94 -3.79
CA LEU A 250 17.08 11.00 -2.79
C LEU A 250 18.62 10.95 -2.66
N SER A 251 19.33 10.90 -3.80
CA SER A 251 20.78 10.66 -3.81
C SER A 251 21.65 11.89 -3.51
N ALA A 252 21.22 13.06 -3.97
CA ALA A 252 21.96 14.30 -3.70
C ALA A 252 21.02 15.49 -3.45
N PRO A 253 20.22 15.44 -2.36
CA PRO A 253 19.19 16.47 -2.17
C PRO A 253 19.71 17.89 -2.03
N SER A 254 20.87 18.09 -1.40
CA SER A 254 21.40 19.44 -1.24
C SER A 254 21.75 20.07 -2.60
N LEU A 255 22.29 19.27 -3.52
CA LEU A 255 22.60 19.74 -4.86
C LEU A 255 21.35 20.08 -5.64
N LEU A 256 20.37 19.20 -5.60
CA LEU A 256 19.11 19.44 -6.31
C LEU A 256 18.38 20.67 -5.76
N ALA A 257 18.45 20.85 -4.44
CA ALA A 257 17.85 22.00 -3.79
C ALA A 257 18.38 23.33 -4.36
N GLN A 258 19.68 23.40 -4.65
CA GLN A 258 20.26 24.62 -5.21
C GLN A 258 19.66 24.96 -6.57
N VAL A 259 19.51 23.97 -7.43
CA VAL A 259 18.91 24.18 -8.75
C VAL A 259 17.45 24.60 -8.58
N LEU A 260 16.74 23.94 -7.67
CA LEU A 260 15.33 24.25 -7.43
C LEU A 260 15.13 25.67 -6.91
N ARG A 261 15.99 26.10 -5.98
CA ARG A 261 15.87 27.44 -5.38
C ARG A 261 16.04 28.48 -6.47
N ARG A 262 16.95 28.19 -7.39
CA ARG A 262 17.20 29.05 -8.55
C ARG A 262 16.05 29.04 -9.59
N ALA A 263 15.52 27.85 -9.87
CA ALA A 263 14.45 27.71 -10.85
C ALA A 263 13.14 28.35 -10.36
N LEU A 264 12.90 28.33 -9.06
CA LEU A 264 11.65 28.83 -8.50
C LEU A 264 11.76 30.29 -8.05
N ALA A 265 12.87 30.92 -8.37
CA ALA A 265 13.11 32.32 -7.99
C ALA A 265 12.08 33.27 -8.60
N ARG A 266 11.92 33.23 -9.92
CA ARG A 266 10.95 34.09 -10.57
C ARG A 266 10.06 33.32 -11.54
N TYR A 267 8.77 33.29 -11.24
CA TYR A 267 7.77 32.74 -12.13
C TYR A 267 6.45 33.50 -11.94
N SER B 1 -28.81 -18.33 5.94
CA SER B 1 -28.13 -19.31 5.12
C SER B 1 -26.93 -18.69 4.42
N GLY B 2 -26.01 -19.56 3.98
CA GLY B 2 -24.82 -19.12 3.29
C GLY B 2 -25.09 -18.42 1.96
N ALA B 3 -26.14 -18.86 1.26
CA ALA B 3 -26.50 -18.31 -0.05
C ALA B 3 -26.71 -16.81 0.05
N LYS B 4 -27.42 -16.38 1.09
CA LYS B 4 -27.66 -14.96 1.39
C LYS B 4 -26.36 -14.26 1.84
N LEU B 5 -25.60 -14.95 2.69
CA LEU B 5 -24.35 -14.45 3.26
C LEU B 5 -23.34 -14.00 2.22
N LEU B 6 -23.36 -14.61 1.04
CA LEU B 6 -22.44 -14.23 -0.03
C LEU B 6 -22.54 -12.74 -0.32
N GLN B 7 -23.77 -12.22 -0.32
CA GLN B 7 -23.99 -10.79 -0.55
C GLN B 7 -23.82 -9.94 0.71
N ILE B 8 -24.33 -10.43 1.84
CA ILE B 8 -24.25 -9.74 3.13
C ILE B 8 -22.78 -9.50 3.56
N LEU B 9 -21.96 -10.53 3.41
CA LEU B 9 -20.57 -10.51 3.83
C LEU B 9 -19.61 -10.08 2.70
N ASN B 10 -20.17 -9.63 1.58
CA ASN B 10 -19.37 -9.05 0.48
C ASN B 10 -18.31 -9.98 -0.05
N VAL B 11 -18.71 -11.23 -0.29
CA VAL B 11 -17.80 -12.26 -0.78
C VAL B 11 -17.30 -11.96 -2.21
N ARG B 12 -16.02 -12.20 -2.44
CA ARG B 12 -15.44 -12.04 -3.78
C ARG B 12 -14.53 -13.23 -4.09
N VAL B 13 -14.53 -13.64 -5.35
CA VAL B 13 -13.62 -14.69 -5.80
C VAL B 13 -12.80 -14.18 -6.99
N VAL B 14 -11.47 -14.21 -6.85
CA VAL B 14 -10.58 -13.69 -7.87
C VAL B 14 -9.40 -14.63 -8.11
N GLY B 15 -8.74 -14.46 -9.25
CA GLY B 15 -7.55 -15.23 -9.54
C GLY B 15 -7.85 -16.50 -10.27
N SER B 16 -6.81 -17.25 -10.59
CA SER B 16 -6.96 -18.53 -11.29
C SER B 16 -6.06 -19.60 -10.69
N GLY B 17 -6.61 -20.79 -10.49
CA GLY B 17 -5.81 -21.93 -10.06
C GLY B 17 -6.72 -23.02 -9.54
N GLU B 18 -6.22 -24.24 -9.42
CA GLU B 18 -7.05 -25.28 -8.81
C GLU B 18 -6.91 -25.22 -7.28
N ARG B 19 -5.88 -24.52 -6.81
CA ARG B 19 -5.69 -24.34 -5.38
C ARG B 19 -6.46 -23.11 -4.90
N VAL B 20 -7.22 -23.27 -3.82
CA VAL B 20 -8.05 -22.20 -3.31
C VAL B 20 -7.51 -21.64 -2.00
N VAL B 21 -7.44 -20.32 -1.88
CA VAL B 21 -7.03 -19.68 -0.65
C VAL B 21 -8.16 -18.77 -0.10
N VAL B 22 -8.45 -18.90 1.20
CA VAL B 22 -9.40 -18.02 1.87
C VAL B 22 -8.69 -16.98 2.73
N LEU B 23 -8.97 -15.70 2.47
CA LEU B 23 -8.40 -14.60 3.28
C LEU B 23 -9.43 -14.03 4.24
N SER B 24 -9.14 -14.11 5.53
CA SER B 24 -10.08 -13.70 6.56
C SER B 24 -9.46 -12.59 7.42
N HIS B 25 -10.02 -11.38 7.35
CA HIS B 25 -9.46 -10.20 8.01
C HIS B 25 -9.72 -10.18 9.53
N GLY B 26 -8.94 -9.37 10.24
CA GLY B 26 -9.12 -9.22 11.68
C GLY B 26 -9.95 -8.02 12.13
N PHE B 27 -9.95 -7.78 13.43
CA PHE B 27 -10.68 -6.68 14.05
C PHE B 27 -10.24 -5.31 13.56
N GLY B 28 -11.21 -4.44 13.30
CA GLY B 28 -10.96 -3.06 12.90
C GLY B 28 -10.68 -2.81 11.42
N THR B 29 -10.66 -3.89 10.62
CA THR B 29 -10.44 -3.77 9.19
C THR B 29 -11.56 -4.45 8.41
N ASP B 30 -11.45 -4.42 7.10
CA ASP B 30 -12.29 -5.26 6.25
C ASP B 30 -11.37 -5.94 5.22
N GLN B 31 -11.96 -6.61 4.25
CA GLN B 31 -11.18 -7.37 3.28
C GLN B 31 -10.21 -6.51 2.45
N SER B 32 -10.39 -5.19 2.46
CA SER B 32 -9.50 -4.30 1.74
C SER B 32 -8.10 -4.35 2.31
N ALA B 33 -8.00 -4.82 3.55
CA ALA B 33 -6.70 -5.00 4.20
C ALA B 33 -5.81 -5.99 3.44
N TRP B 34 -6.44 -6.88 2.66
CA TRP B 34 -5.68 -7.87 1.90
C TRP B 34 -5.25 -7.37 0.52
N SER B 35 -5.71 -6.18 0.16
CA SER B 35 -5.55 -5.68 -1.21
C SER B 35 -4.10 -5.58 -1.70
N ARG B 36 -3.18 -5.21 -0.82
CA ARG B 36 -1.78 -5.07 -1.21
C ARG B 36 -1.07 -6.42 -1.49
N VAL B 37 -1.36 -7.45 -0.69
CA VAL B 37 -0.75 -8.77 -0.93
C VAL B 37 -1.49 -9.63 -1.98
N LEU B 38 -2.71 -9.25 -2.29
CA LEU B 38 -3.59 -10.06 -3.14
C LEU B 38 -3.00 -10.48 -4.50
N PRO B 39 -2.39 -9.55 -5.26
CA PRO B 39 -1.87 -9.98 -6.56
C PRO B 39 -0.73 -11.00 -6.46
N TYR B 40 -0.07 -11.07 -5.30
CA TYR B 40 0.95 -12.10 -5.13
C TYR B 40 0.31 -13.48 -5.10
N LEU B 41 -0.91 -13.56 -4.58
CA LEU B 41 -1.60 -14.84 -4.54
C LEU B 41 -2.38 -15.19 -5.83
N THR B 42 -2.98 -14.21 -6.48
CA THR B 42 -4.01 -14.44 -7.49
C THR B 42 -3.50 -15.01 -8.82
N ARG B 43 -2.18 -14.94 -9.06
CA ARG B 43 -1.65 -15.47 -10.30
C ARG B 43 -1.74 -17.01 -10.37
N ASP B 44 -1.28 -17.71 -9.33
CA ASP B 44 -1.38 -19.17 -9.26
C ASP B 44 -2.52 -19.71 -8.34
N HIS B 45 -3.32 -18.83 -7.73
CA HIS B 45 -4.31 -19.28 -6.76
C HIS B 45 -5.64 -18.62 -7.03
N ARG B 46 -6.69 -19.33 -6.66
CA ARG B 46 -8.02 -18.77 -6.63
C ARG B 46 -8.29 -18.30 -5.18
N VAL B 47 -8.60 -17.01 -5.03
CA VAL B 47 -8.67 -16.39 -3.70
C VAL B 47 -10.08 -15.97 -3.33
N VAL B 48 -10.54 -16.42 -2.17
CA VAL B 48 -11.84 -16.02 -1.65
C VAL B 48 -11.63 -14.92 -0.59
N LEU B 49 -12.39 -13.83 -0.71
CA LEU B 49 -12.39 -12.79 0.29
C LEU B 49 -13.79 -12.54 0.79
N TYR B 50 -13.91 -12.20 2.08
CA TYR B 50 -15.20 -11.85 2.63
C TYR B 50 -14.99 -10.93 3.82
N ASP B 51 -16.03 -10.20 4.20
CA ASP B 51 -16.00 -9.36 5.39
C ASP B 51 -16.66 -10.10 6.55
N LEU B 52 -16.04 -10.04 7.72
CA LEU B 52 -16.70 -10.50 8.95
C LEU B 52 -17.94 -9.66 9.16
N VAL B 53 -18.94 -10.22 9.82
CA VAL B 53 -20.21 -9.53 10.01
C VAL B 53 -20.03 -8.20 10.75
N CYS B 54 -18.93 -8.09 11.50
CA CYS B 54 -18.68 -6.89 12.31
C CYS B 54 -17.93 -5.79 11.57
N ALA B 55 -17.61 -6.03 10.30
CA ALA B 55 -16.88 -5.03 9.51
C ALA B 55 -17.75 -3.81 9.24
N GLY B 56 -17.13 -2.63 9.18
CA GLY B 56 -17.86 -1.39 8.93
C GLY B 56 -18.48 -1.40 7.54
N SER B 57 -17.95 -2.24 6.66
CA SER B 57 -18.45 -2.33 5.30
C SER B 57 -19.65 -3.27 5.18
N VAL B 58 -20.05 -3.84 6.31
CA VAL B 58 -21.24 -4.70 6.38
C VAL B 58 -22.35 -3.94 7.08
N ASN B 59 -23.56 -4.03 6.52
CA ASN B 59 -24.71 -3.32 7.07
C ASN B 59 -24.94 -3.79 8.52
N PRO B 60 -24.87 -2.86 9.50
CA PRO B 60 -24.95 -3.18 10.92
C PRO B 60 -26.30 -3.74 11.31
N ASP B 61 -27.31 -3.58 10.46
CA ASP B 61 -28.62 -4.17 10.68
C ASP B 61 -28.49 -5.68 10.72
N HIS B 62 -27.48 -6.18 10.03
CA HIS B 62 -27.19 -7.61 9.98
C HIS B 62 -26.45 -8.15 11.20
N PHE B 63 -26.02 -7.27 12.10
CA PHE B 63 -25.30 -7.77 13.27
C PHE B 63 -26.25 -8.28 14.33
N ASP B 64 -26.13 -9.57 14.66
CA ASP B 64 -26.99 -10.21 15.63
C ASP B 64 -26.25 -10.33 16.95
N PHE B 65 -26.62 -9.52 17.93
CA PHE B 65 -25.90 -9.39 19.19
C PHE B 65 -25.96 -10.66 20.02
N ARG B 66 -27.08 -11.34 19.89
CA ARG B 66 -27.29 -12.60 20.58
C ARG B 66 -26.55 -13.74 19.90
N ARG B 67 -26.58 -13.78 18.58
CA ARG B 67 -25.92 -14.87 17.89
C ARG B 67 -24.39 -14.79 17.95
N TYR B 68 -23.86 -13.57 17.83
CA TYR B 68 -22.43 -13.35 17.65
C TYR B 68 -21.67 -13.16 18.97
N ASP B 69 -22.34 -13.45 20.09
CA ASP B 69 -21.70 -13.34 21.40
C ASP B 69 -20.61 -14.41 21.66
N ASN B 70 -20.42 -15.34 20.73
CA ASN B 70 -19.29 -16.26 20.79
C ASN B 70 -18.66 -16.51 19.42
N LEU B 71 -17.41 -16.97 19.38
CA LEU B 71 -16.70 -17.05 18.10
C LEU B 71 -17.24 -18.11 17.15
N ASP B 72 -17.91 -19.12 17.70
CA ASP B 72 -18.48 -20.20 16.89
C ASP B 72 -19.46 -19.73 15.83
N ALA B 73 -20.13 -18.61 16.10
CA ALA B 73 -21.09 -18.03 15.14
C ALA B 73 -20.33 -17.48 13.92
N TYR B 74 -19.16 -16.89 14.16
CA TYR B 74 -18.33 -16.43 13.07
C TYR B 74 -17.82 -17.59 12.24
N VAL B 75 -17.51 -18.68 12.92
CA VAL B 75 -17.07 -19.90 12.26
C VAL B 75 -18.19 -20.43 11.37
N ASP B 76 -19.41 -20.44 11.90
CA ASP B 76 -20.58 -20.86 11.10
C ASP B 76 -20.66 -20.09 9.77
N ASP B 77 -20.47 -18.78 9.84
CA ASP B 77 -20.48 -17.95 8.64
C ASP B 77 -19.43 -18.34 7.61
N LEU B 78 -18.20 -18.53 8.07
CA LEU B 78 -17.10 -18.90 7.20
C LEU B 78 -17.40 -20.21 6.47
N LEU B 79 -17.83 -21.22 7.22
CA LEU B 79 -18.20 -22.52 6.66
C LEU B 79 -19.41 -22.43 5.71
N ALA B 80 -20.37 -21.57 6.04
CA ALA B 80 -21.54 -21.41 5.19
C ALA B 80 -21.15 -20.79 3.86
N ILE B 81 -20.18 -19.88 3.91
CA ILE B 81 -19.66 -19.28 2.67
C ILE B 81 -18.95 -20.30 1.79
N LEU B 82 -18.06 -21.08 2.38
CA LEU B 82 -17.28 -22.07 1.64
C LEU B 82 -18.20 -23.15 1.08
N ASP B 83 -19.20 -23.57 1.86
CA ASP B 83 -20.17 -24.56 1.41
C ASP B 83 -21.08 -24.00 0.33
N ALA B 84 -21.50 -22.74 0.48
CA ALA B 84 -22.31 -22.06 -0.55
C ALA B 84 -21.54 -22.01 -1.87
N LEU B 85 -20.25 -21.76 -1.77
CA LEU B 85 -19.37 -21.68 -2.93
C LEU B 85 -18.95 -23.06 -3.43
N ARG B 86 -19.36 -24.10 -2.72
CA ARG B 86 -19.03 -25.48 -3.05
C ARG B 86 -17.52 -25.67 -3.18
N ILE B 87 -16.80 -25.21 -2.16
CA ILE B 87 -15.36 -25.42 -2.08
C ILE B 87 -15.03 -26.54 -1.12
N PRO B 88 -14.62 -27.69 -1.67
CA PRO B 88 -14.31 -28.89 -0.88
C PRO B 88 -12.99 -28.82 -0.10
N ARG B 89 -12.01 -28.06 -0.60
CA ARG B 89 -10.69 -27.99 0.03
C ARG B 89 -10.02 -26.65 -0.23
N CYS B 90 -9.33 -26.14 0.79
CA CYS B 90 -8.68 -24.84 0.68
C CYS B 90 -7.58 -24.63 1.72
N ALA B 91 -6.75 -23.62 1.50
CA ALA B 91 -5.88 -23.10 2.54
C ALA B 91 -6.55 -21.87 3.15
N PHE B 92 -6.36 -21.68 4.44
CA PHE B 92 -6.97 -20.58 5.16
C PHE B 92 -5.91 -19.64 5.71
N VAL B 93 -6.02 -18.38 5.36
CA VAL B 93 -5.18 -17.37 5.95
C VAL B 93 -6.06 -16.48 6.80
N GLY B 94 -5.70 -16.28 8.05
CA GLY B 94 -6.49 -15.38 8.84
C GLY B 94 -5.62 -14.62 9.80
N HIS B 95 -6.14 -13.46 10.16
CA HIS B 95 -5.42 -12.49 10.95
C HIS B 95 -6.14 -12.24 12.28
N SER B 96 -5.40 -12.27 13.38
CA SER B 96 -5.94 -11.88 14.69
C SER B 96 -7.18 -12.73 15.03
N VAL B 97 -8.34 -12.10 15.15
CA VAL B 97 -9.57 -12.82 15.50
C VAL B 97 -9.89 -13.93 14.49
N SER B 98 -9.51 -13.72 13.22
CA SER B 98 -9.70 -14.71 12.17
C SER B 98 -8.78 -15.90 12.36
N ALA B 99 -7.65 -15.68 13.02
CA ALA B 99 -6.78 -16.82 13.34
C ALA B 99 -7.53 -17.76 14.32
N MET B 100 -8.18 -17.19 15.34
CA MET B 100 -9.01 -17.98 16.24
C MET B 100 -10.12 -18.68 15.47
N ILE B 101 -10.77 -17.95 14.58
CA ILE B 101 -11.83 -18.50 13.76
C ILE B 101 -11.32 -19.67 12.92
N GLY B 102 -10.12 -19.51 12.37
CA GLY B 102 -9.54 -20.54 11.53
C GLY B 102 -9.22 -21.83 12.28
N ILE B 103 -8.66 -21.66 13.48
CA ILE B 103 -8.37 -22.78 14.34
C ILE B 103 -9.65 -23.59 14.64
N LEU B 104 -10.73 -22.87 14.96
CA LEU B 104 -12.02 -23.48 15.25
C LEU B 104 -12.65 -24.14 14.02
N ALA B 105 -12.50 -23.51 12.86
CA ALA B 105 -13.06 -24.06 11.63
C ALA B 105 -12.35 -25.36 11.23
N SER B 106 -11.04 -25.41 11.41
CA SER B 106 -10.28 -26.62 11.07
C SER B 106 -10.69 -27.81 11.94
N ILE B 107 -11.10 -27.54 13.18
CA ILE B 107 -11.55 -28.60 14.06
C ILE B 107 -12.96 -29.06 13.66
N ARG B 108 -13.80 -28.09 13.32
CA ARG B 108 -15.16 -28.35 12.87
C ARG B 108 -15.16 -29.18 11.58
N ARG B 109 -14.31 -28.79 10.63
CA ARG B 109 -14.27 -29.46 9.33
C ARG B 109 -12.86 -29.78 8.88
N PRO B 110 -12.27 -30.83 9.45
CA PRO B 110 -10.87 -31.18 9.18
C PRO B 110 -10.57 -31.56 7.72
N ASP B 111 -11.54 -32.08 6.99
CA ASP B 111 -11.32 -32.42 5.58
C ASP B 111 -11.23 -31.16 4.70
N LEU B 112 -11.82 -30.08 5.17
CA LEU B 112 -11.94 -28.89 4.37
C LEU B 112 -10.64 -28.08 4.33
N PHE B 113 -9.88 -28.08 5.42
CA PHE B 113 -8.74 -27.18 5.48
C PHE B 113 -7.41 -27.90 5.35
N ALA B 114 -6.74 -27.67 4.23
CA ALA B 114 -5.48 -28.31 3.92
C ALA B 114 -4.30 -27.64 4.64
N LYS B 115 -4.38 -26.33 4.86
CA LYS B 115 -3.31 -25.66 5.57
C LYS B 115 -3.83 -24.41 6.29
N LEU B 116 -3.26 -24.07 7.45
CA LEU B 116 -3.61 -22.83 8.15
C LEU B 116 -2.41 -21.89 8.21
N VAL B 117 -2.64 -20.63 7.88
CA VAL B 117 -1.66 -19.59 8.08
C VAL B 117 -2.24 -18.60 9.07
N LEU B 118 -1.62 -18.48 10.23
CA LEU B 118 -2.11 -17.62 11.31
C LEU B 118 -1.21 -16.41 11.46
N ILE B 119 -1.79 -15.22 11.39
CA ILE B 119 -1.07 -13.96 11.49
C ILE B 119 -1.56 -13.16 12.69
N GLY B 120 -0.65 -12.78 13.56
CA GLY B 120 -0.98 -12.08 14.80
C GLY B 120 -1.93 -12.93 15.63
N ALA B 121 -1.53 -14.18 15.84
CA ALA B 121 -2.45 -15.17 16.42
C ALA B 121 -2.20 -15.47 17.89
N SER B 122 -3.27 -15.53 18.67
CA SER B 122 -3.21 -15.98 20.05
C SER B 122 -4.38 -16.87 20.44
N PRO B 123 -4.11 -17.95 21.19
CA PRO B 123 -5.18 -18.80 21.73
C PRO B 123 -5.94 -18.16 22.87
N ARG B 124 -5.21 -17.38 23.69
CA ARG B 124 -5.78 -16.63 24.80
C ARG B 124 -5.02 -15.31 25.04
N PHE B 125 -5.72 -14.20 25.16
CA PHE B 125 -5.05 -12.95 25.47
C PHE B 125 -4.80 -12.78 26.98
N LEU B 126 -5.72 -13.30 27.79
CA LEU B 126 -5.58 -13.21 29.24
C LEU B 126 -4.41 -14.03 29.77
N ASN B 127 -3.70 -13.45 30.73
CA ASN B 127 -2.66 -14.18 31.44
C ASN B 127 -3.30 -15.28 32.26
N ASP B 128 -2.50 -16.30 32.56
CA ASP B 128 -2.94 -17.41 33.39
C ASP B 128 -1.70 -17.99 34.08
N SER B 129 -1.88 -19.03 34.89
CA SER B 129 -0.72 -19.62 35.57
C SER B 129 0.26 -20.22 34.57
N ASP B 130 1.50 -19.74 34.64
CA ASP B 130 2.56 -20.17 33.73
C ASP B 130 2.17 -19.91 32.27
N TYR B 131 1.29 -18.94 32.06
CA TYR B 131 0.94 -18.54 30.70
C TYR B 131 0.88 -17.02 30.55
N HIS B 132 1.71 -16.47 29.68
CA HIS B 132 1.70 -15.05 29.42
C HIS B 132 0.96 -14.75 28.12
N GLY B 133 -0.24 -14.19 28.24
CA GLY B 133 -1.02 -13.80 27.07
C GLY B 133 -0.78 -12.35 26.76
N GLY B 134 -0.33 -11.60 27.77
CA GLY B 134 -0.01 -10.19 27.64
C GLY B 134 -1.01 -9.27 28.31
N PHE B 135 -2.11 -9.83 28.81
CA PHE B 135 -3.16 -9.00 29.42
C PHE B 135 -3.70 -9.51 30.75
N GLU B 136 -4.04 -8.56 31.61
CA GLU B 136 -4.69 -8.82 32.88
C GLU B 136 -6.12 -8.32 32.76
N LEU B 137 -7.01 -8.90 33.55
CA LEU B 137 -8.44 -8.57 33.51
C LEU B 137 -8.69 -7.06 33.65
N GLU B 138 -7.99 -6.40 34.58
CA GLU B 138 -8.21 -4.98 34.77
C GLU B 138 -7.76 -4.17 33.55
N GLU B 139 -6.70 -4.62 32.88
CA GLU B 139 -6.26 -3.98 31.64
C GLU B 139 -7.35 -4.08 30.59
N ILE B 140 -7.95 -5.25 30.46
CA ILE B 140 -9.00 -5.46 29.47
C ILE B 140 -10.26 -4.67 29.81
N GLN B 141 -10.59 -4.63 31.08
CA GLN B 141 -11.72 -3.87 31.56
C GLN B 141 -11.55 -2.41 31.17
N GLN B 142 -10.33 -1.90 31.28
CA GLN B 142 -10.05 -0.50 30.97
C GLN B 142 -10.23 -0.23 29.48
N VAL B 143 -9.89 -1.21 28.65
CA VAL B 143 -10.13 -1.10 27.21
C VAL B 143 -11.62 -0.93 26.95
N PHE B 144 -12.42 -1.80 27.56
CA PHE B 144 -13.88 -1.73 27.39
C PHE B 144 -14.41 -0.37 27.83
N ASP B 145 -13.97 0.07 29.00
CA ASP B 145 -14.37 1.37 29.52
C ASP B 145 -14.01 2.50 28.55
N ALA B 146 -12.79 2.45 28.02
CA ALA B 146 -12.33 3.46 27.05
C ALA B 146 -13.19 3.44 25.81
N MET B 147 -13.45 2.25 25.27
CA MET B 147 -14.24 2.10 24.06
C MET B 147 -15.67 2.58 24.28
N GLY B 148 -16.18 2.33 25.48
CA GLY B 148 -17.53 2.72 25.82
C GLY B 148 -17.68 4.20 26.06
N ALA B 149 -16.71 4.80 26.75
CA ALA B 149 -16.79 6.21 27.13
C ALA B 149 -16.56 7.13 25.94
N ASN B 150 -15.36 7.09 25.38
CA ASN B 150 -15.09 7.85 24.17
C ASN B 150 -14.47 6.95 23.09
N TYR B 151 -15.25 6.63 22.07
CA TYR B 151 -14.82 5.67 21.09
C TYR B 151 -13.82 6.33 20.14
N SER B 152 -14.13 7.56 19.73
CA SER B 152 -13.28 8.31 18.81
C SER B 152 -11.86 8.46 19.35
N ALA B 153 -11.76 8.85 20.62
CA ALA B 153 -10.47 9.03 21.24
C ALA B 153 -9.73 7.71 21.34
N TRP B 154 -10.46 6.66 21.73
CA TRP B 154 -9.86 5.34 21.87
C TRP B 154 -9.25 4.87 20.54
N ALA B 155 -10.02 5.03 19.47
CA ALA B 155 -9.59 4.59 18.13
C ALA B 155 -8.38 5.40 17.67
N THR B 156 -8.38 6.69 17.94
CA THR B 156 -7.28 7.54 17.54
C THR B 156 -6.00 7.10 18.24
N GLY B 157 -6.10 6.73 19.51
CA GLY B 157 -4.95 6.29 20.28
C GLY B 157 -4.50 4.88 19.97
N TYR B 158 -5.45 4.01 19.65
CA TYR B 158 -5.13 2.60 19.41
C TYR B 158 -4.47 2.35 18.05
N ALA B 159 -4.94 3.04 17.02
CA ALA B 159 -4.48 2.80 15.65
C ALA B 159 -2.95 2.86 15.45
N PRO B 160 -2.26 3.88 16.00
CA PRO B 160 -0.80 3.85 15.81
C PRO B 160 -0.10 2.73 16.58
N LEU B 161 -0.69 2.28 17.69
CA LEU B 161 -0.13 1.17 18.47
C LEU B 161 -0.28 -0.15 17.72
N ALA B 162 -1.42 -0.32 17.03
CA ALA B 162 -1.67 -1.52 16.26
C ALA B 162 -0.72 -1.62 15.06
N VAL B 163 -0.59 -0.53 14.33
CA VAL B 163 0.32 -0.50 13.19
C VAL B 163 1.76 -0.68 13.68
N GLY B 164 2.13 0.18 14.62
CA GLY B 164 3.26 0.00 15.54
C GLY B 164 4.58 0.43 14.93
N ALA B 165 4.72 0.20 13.63
CA ALA B 165 5.81 0.74 12.81
C ALA B 165 5.44 2.15 12.43
N ASP B 166 6.41 2.98 12.08
CA ASP B 166 6.06 4.33 11.74
C ASP B 166 5.73 4.33 10.26
N VAL B 167 4.42 4.29 10.01
CA VAL B 167 3.83 4.26 8.67
C VAL B 167 2.56 5.09 8.71
N PRO B 168 2.69 6.40 8.55
CA PRO B 168 1.53 7.28 8.74
C PRO B 168 0.33 6.88 7.84
N ALA B 169 0.60 6.42 6.63
CA ALA B 169 -0.46 6.05 5.71
C ALA B 169 -1.23 4.83 6.20
N ALA B 170 -0.51 3.88 6.78
CA ALA B 170 -1.15 2.68 7.34
C ALA B 170 -2.01 3.03 8.55
N VAL B 171 -1.52 3.95 9.39
CA VAL B 171 -2.29 4.40 10.56
C VAL B 171 -3.59 5.05 10.12
N GLN B 172 -3.55 5.85 9.06
CA GLN B 172 -4.75 6.51 8.57
C GLN B 172 -5.76 5.49 8.02
N GLU B 173 -5.27 4.53 7.25
CA GLU B 173 -6.15 3.49 6.67
C GLU B 173 -6.79 2.62 7.73
N PHE B 174 -6.02 2.20 8.72
CA PHE B 174 -6.59 1.38 9.79
C PHE B 174 -7.61 2.20 10.60
N SER B 175 -7.27 3.46 10.87
CA SER B 175 -8.15 4.38 11.57
CA SER B 175 -8.16 4.37 11.58
C SER B 175 -9.50 4.52 10.87
N ARG B 176 -9.45 4.76 9.56
CA ARG B 176 -10.61 5.00 8.73
C ARG B 176 -11.57 3.81 8.84
N THR B 177 -11.06 2.59 8.69
CA THR B 177 -11.92 1.40 8.80
C THR B 177 -12.36 1.14 10.24
N LEU B 178 -11.57 1.61 11.20
CA LEU B 178 -11.89 1.48 12.61
C LEU B 178 -13.10 2.37 12.95
N PHE B 179 -13.09 3.59 12.41
CA PHE B 179 -14.18 4.55 12.58
C PHE B 179 -15.45 4.12 11.83
N ASN B 180 -15.30 3.30 10.80
CA ASN B 180 -16.47 2.85 10.03
C ASN B 180 -17.23 1.78 10.77
N MET B 181 -16.63 1.22 11.80
CA MET B 181 -17.32 0.29 12.66
C MET B 181 -18.26 1.06 13.58
N ARG B 182 -19.43 0.48 13.85
CA ARG B 182 -20.34 1.01 14.86
C ARG B 182 -19.76 0.72 16.25
N PRO B 183 -19.58 1.76 17.07
CA PRO B 183 -18.91 1.63 18.36
C PRO B 183 -19.49 0.53 19.25
N ASP B 184 -20.80 0.32 19.25
CA ASP B 184 -21.37 -0.72 20.11
C ASP B 184 -21.02 -2.12 19.59
N ILE B 185 -20.95 -2.25 18.28
CA ILE B 185 -20.52 -3.51 17.67
C ILE B 185 -19.03 -3.74 17.95
N SER B 186 -18.22 -2.68 17.84
CA SER B 186 -16.78 -2.78 18.12
C SER B 186 -16.55 -3.31 19.52
N LEU B 187 -17.23 -2.70 20.49
CA LEU B 187 -17.11 -3.10 21.88
C LEU B 187 -17.50 -4.56 22.05
N HIS B 188 -18.62 -4.92 21.45
CA HIS B 188 -19.16 -6.28 21.56
C HIS B 188 -18.19 -7.34 21.04
N VAL B 189 -17.64 -7.11 19.85
CA VAL B 189 -16.67 -8.02 19.28
C VAL B 189 -15.46 -8.16 20.19
N CYS B 190 -14.99 -7.05 20.74
CA CYS B 190 -13.82 -7.03 21.61
CA CYS B 190 -13.81 -7.06 21.60
C CYS B 190 -14.05 -7.86 22.87
N GLN B 191 -15.24 -7.75 23.43
CA GLN B 191 -15.61 -8.53 24.61
C GLN B 191 -15.65 -10.01 24.27
N THR B 192 -16.17 -10.33 23.09
CA THR B 192 -16.26 -11.71 22.65
C THR B 192 -14.87 -12.33 22.46
N VAL B 193 -14.00 -11.60 21.78
CA VAL B 193 -12.65 -12.07 21.52
C VAL B 193 -11.88 -12.27 22.82
N PHE B 194 -11.95 -11.29 23.73
CA PHE B 194 -11.12 -11.34 24.93
C PHE B 194 -11.55 -12.37 25.96
N LYS B 195 -12.75 -12.91 25.85
CA LYS B 195 -13.18 -13.96 26.77
C LYS B 195 -12.93 -15.37 26.21
N THR B 196 -12.27 -15.44 25.05
CA THR B 196 -12.07 -16.73 24.39
C THR B 196 -10.79 -17.40 24.87
N ASP B 197 -10.87 -18.68 25.20
CA ASP B 197 -9.68 -19.44 25.53
C ASP B 197 -9.66 -20.68 24.66
N LEU B 198 -8.74 -20.71 23.70
CA LEU B 198 -8.63 -21.83 22.74
C LEU B 198 -7.56 -22.85 23.08
N ARG B 199 -6.85 -22.60 24.17
CA ARG B 199 -5.70 -23.42 24.53
C ARG B 199 -6.03 -24.92 24.59
N GLY B 200 -7.23 -25.21 25.09
CA GLY B 200 -7.65 -26.59 25.26
C GLY B 200 -7.92 -27.37 23.99
N VAL B 201 -8.28 -26.68 22.91
CA VAL B 201 -8.55 -27.37 21.64
C VAL B 201 -7.44 -27.33 20.60
N LEU B 202 -6.33 -26.68 20.89
CA LEU B 202 -5.23 -26.55 19.92
C LEU B 202 -4.73 -27.92 19.42
N GLY B 203 -4.77 -28.92 20.29
CA GLY B 203 -4.29 -30.24 19.93
C GLY B 203 -5.20 -30.94 18.94
N MET B 204 -6.44 -30.45 18.82
CA MET B 204 -7.41 -31.05 17.92
C MET B 204 -7.24 -30.60 16.47
N VAL B 205 -6.36 -29.64 16.22
CA VAL B 205 -6.14 -29.17 14.86
C VAL B 205 -5.25 -30.19 14.15
N ARG B 206 -5.76 -30.79 13.08
CA ARG B 206 -4.97 -31.71 12.27
C ARG B 206 -4.08 -31.06 11.22
N ALA B 207 -4.53 -29.94 10.67
CA ALA B 207 -3.91 -29.33 9.51
C ALA B 207 -2.53 -28.71 9.78
N PRO B 208 -1.61 -28.80 8.80
CA PRO B 208 -0.30 -28.16 8.94
C PRO B 208 -0.47 -26.65 9.05
N CYS B 209 0.29 -26.04 9.95
CA CYS B 209 0.12 -24.63 10.28
CA CYS B 209 0.11 -24.63 10.25
C CYS B 209 1.39 -23.80 10.10
N VAL B 210 1.22 -22.59 9.63
CA VAL B 210 2.30 -21.61 9.60
C VAL B 210 1.86 -20.44 10.49
N VAL B 211 2.61 -20.22 11.56
CA VAL B 211 2.34 -19.10 12.44
C VAL B 211 3.22 -17.92 12.11
N VAL B 212 2.60 -16.83 11.66
CA VAL B 212 3.33 -15.61 11.32
C VAL B 212 3.32 -14.66 12.49
N GLN B 213 4.52 -14.30 12.93
CA GLN B 213 4.73 -13.48 14.11
C GLN B 213 5.66 -12.35 13.74
N THR B 214 5.31 -11.11 14.09
CA THR B 214 6.22 -10.00 13.81
C THR B 214 7.18 -9.78 14.99
N THR B 215 8.08 -8.83 14.86
CA THR B 215 9.10 -8.67 15.88
C THR B 215 8.52 -8.09 17.15
N ARG B 216 7.57 -7.18 17.02
CA ARG B 216 6.88 -6.63 18.17
C ARG B 216 5.38 -6.44 17.89
N ASP B 217 4.52 -7.10 18.66
CA ASP B 217 3.08 -7.05 18.43
C ASP B 217 2.35 -6.64 19.69
N VAL B 218 1.58 -5.56 19.61
CA VAL B 218 0.99 -4.99 20.80
C VAL B 218 0.04 -5.95 21.53
N SER B 219 -0.66 -6.80 20.78
CA SER B 219 -1.55 -7.79 21.40
C SER B 219 -1.02 -9.24 21.55
N VAL B 220 0.19 -9.52 21.02
CA VAL B 220 0.72 -10.90 20.97
C VAL B 220 2.18 -11.03 21.39
N PRO B 221 2.44 -11.36 22.66
CA PRO B 221 3.83 -11.63 23.08
C PRO B 221 4.47 -12.70 22.20
N ALA B 222 5.79 -12.60 21.99
CA ALA B 222 6.49 -13.55 21.13
C ALA B 222 6.39 -14.99 21.67
N SER B 223 6.30 -15.14 22.97
CA SER B 223 6.22 -16.48 23.56
C SER B 223 4.92 -17.18 23.19
N VAL B 224 3.89 -16.43 22.80
CA VAL B 224 2.61 -17.00 22.42
C VAL B 224 2.73 -17.79 21.11
N ALA B 225 3.52 -17.25 20.17
CA ALA B 225 3.80 -17.98 18.94
C ALA B 225 4.46 -19.32 19.25
N ALA B 226 5.36 -19.33 20.22
CA ALA B 226 6.03 -20.55 20.60
C ALA B 226 5.03 -21.52 21.20
N TYR B 227 4.13 -20.99 22.03
CA TYR B 227 3.08 -21.79 22.64
C TYR B 227 2.23 -22.50 21.57
N LEU B 228 1.82 -21.73 20.57
CA LEU B 228 1.04 -22.27 19.44
C LEU B 228 1.79 -23.42 18.76
N LYS B 229 3.08 -23.22 18.50
CA LYS B 229 3.88 -24.27 17.87
C LYS B 229 3.92 -25.51 18.75
N ALA B 230 4.02 -25.30 20.06
CA ALA B 230 4.11 -26.42 20.98
C ALA B 230 2.80 -27.20 21.05
N HIS B 231 1.68 -26.48 21.09
CA HIS B 231 0.39 -27.14 21.31
C HIS B 231 -0.52 -27.41 20.10
N LEU B 232 -0.17 -26.94 18.90
CA LEU B 232 -1.01 -27.19 17.73
C LEU B 232 -0.84 -28.64 17.26
N GLY B 233 -1.96 -29.29 16.94
CA GLY B 233 -1.95 -30.71 16.64
C GLY B 233 -1.29 -31.12 15.32
N GLY B 234 -1.12 -30.17 14.41
CA GLY B 234 -0.48 -30.44 13.14
C GLY B 234 0.98 -30.03 13.12
N ARG B 235 1.66 -30.26 12.00
CA ARG B 235 3.03 -29.76 11.83
C ARG B 235 3.01 -28.24 11.70
N THR B 236 3.72 -27.57 12.59
CA THR B 236 3.66 -26.12 12.68
C THR B 236 5.04 -25.50 12.59
N THR B 237 5.14 -24.45 11.78
CA THR B 237 6.36 -23.65 11.69
C THR B 237 6.02 -22.21 12.02
N VAL B 238 6.92 -21.54 12.74
CA VAL B 238 6.77 -20.12 13.01
C VAL B 238 7.67 -19.28 12.12
N GLU B 239 7.07 -18.40 11.32
CA GLU B 239 7.80 -17.46 10.46
C GLU B 239 7.90 -16.10 11.12
N PHE B 240 9.11 -15.59 11.28
CA PHE B 240 9.24 -14.29 11.91
C PHE B 240 9.47 -13.23 10.85
N LEU B 241 8.56 -12.27 10.76
CA LEU B 241 8.73 -11.15 9.86
C LEU B 241 9.67 -10.14 10.46
N GLN B 242 10.55 -9.56 9.66
CA GLN B 242 11.40 -8.59 10.29
C GLN B 242 10.66 -7.31 10.01
N THR B 243 9.91 -6.88 11.02
CA THR B 243 9.11 -5.67 10.97
C THR B 243 8.29 -5.63 12.24
N GLU B 244 7.73 -4.48 12.55
CA GLU B 244 7.02 -4.29 13.78
C GLU B 244 5.54 -4.10 13.50
N GLY B 245 4.70 -4.37 14.49
CA GLY B 245 3.27 -4.13 14.34
C GLY B 245 2.37 -5.33 14.22
N HIS B 246 1.08 -5.07 14.43
CA HIS B 246 0.05 -6.08 14.43
C HIS B 246 -0.57 -6.24 13.03
N LEU B 247 -0.24 -5.35 12.10
CA LEU B 247 -0.86 -5.42 10.77
C LEU B 247 0.12 -5.37 9.60
N PRO B 248 0.95 -6.42 9.46
CA PRO B 248 1.96 -6.44 8.40
C PRO B 248 1.36 -6.40 6.98
N HIS B 249 0.11 -6.82 6.84
CA HIS B 249 -0.49 -6.77 5.52
C HIS B 249 -0.77 -5.33 5.09
N LEU B 250 -0.98 -4.42 6.04
CA LEU B 250 -0.97 -2.99 5.69
C LEU B 250 0.41 -2.34 5.66
N SER B 251 1.21 -2.59 6.69
CA SER B 251 2.49 -1.90 6.90
C SER B 251 3.67 -2.47 6.09
N ALA B 252 3.69 -3.78 5.92
CA ALA B 252 4.80 -4.43 5.20
C ALA B 252 4.34 -5.54 4.24
N PRO B 253 3.56 -5.18 3.23
CA PRO B 253 2.96 -6.19 2.36
C PRO B 253 3.98 -7.04 1.60
N SER B 254 5.09 -6.43 1.17
CA SER B 254 6.08 -7.16 0.40
C SER B 254 6.69 -8.30 1.21
N LEU B 255 7.01 -8.03 2.47
CA LEU B 255 7.58 -9.05 3.35
C LEU B 255 6.56 -10.16 3.61
N LEU B 256 5.33 -9.78 3.95
CA LEU B 256 4.29 -10.78 4.24
C LEU B 256 3.98 -11.63 3.02
N ALA B 257 3.94 -10.99 1.85
CA ALA B 257 3.65 -11.67 0.59
C ALA B 257 4.64 -12.81 0.30
N GLN B 258 5.93 -12.57 0.55
CA GLN B 258 6.95 -13.61 0.37
C GLN B 258 6.75 -14.81 1.30
N VAL B 259 6.43 -14.53 2.57
CA VAL B 259 6.15 -15.59 3.51
C VAL B 259 4.89 -16.34 3.11
N LEU B 260 3.85 -15.61 2.71
CA LEU B 260 2.58 -16.22 2.31
C LEU B 260 2.76 -17.15 1.11
N ARG B 261 3.51 -16.69 0.11
CA ARG B 261 3.75 -17.52 -1.06
C ARG B 261 4.54 -18.80 -0.76
N ARG B 262 5.46 -18.72 0.19
CA ARG B 262 6.21 -19.89 0.62
C ARG B 262 5.28 -20.89 1.31
N ALA B 263 4.39 -20.39 2.15
CA ALA B 263 3.46 -21.25 2.86
C ALA B 263 2.40 -21.88 1.94
N LEU B 264 1.98 -21.12 0.92
CA LEU B 264 0.90 -21.54 0.01
C LEU B 264 1.40 -22.19 -1.28
N ALA B 265 2.70 -22.44 -1.39
CA ALA B 265 3.25 -23.06 -2.59
C ALA B 265 2.67 -24.45 -2.84
N ARG B 266 2.76 -25.31 -1.84
CA ARG B 266 2.24 -26.66 -1.96
C ARG B 266 1.41 -27.09 -0.74
N TYR B 267 0.13 -27.37 -0.99
CA TYR B 267 -0.76 -27.94 0.03
C TYR B 267 -1.82 -28.82 -0.62
#